data_6TC1
#
_entry.id   6TC1
#
_cell.length_a   63.020
_cell.length_b   89.720
_cell.length_c   61.530
_cell.angle_alpha   90.000
_cell.angle_beta   96.670
_cell.angle_gamma   90.000
#
_symmetry.space_group_name_H-M   'C 1 2 1'
#
loop_
_entity.id
_entity.type
_entity.pdbx_description
1 polymer 'Genome polyprotein'
2 polymer 'Genome polyprotein'
3 non-polymer 'DIMETHYL SULFOXIDE'
4 non-polymer 5-ethyl-1,3,4-thiadiazol-2-amine
5 water water
#
loop_
_entity_poly.entity_id
_entity_poly.type
_entity_poly.pdbx_seq_one_letter_code
_entity_poly.pdbx_strand_id
1 'polypeptide(L)'
;APPTLWSRVTKFGSGWGFWVSPTVFITTTHVIPTSAKEFFGEPLTSIAIHRAGEFTLFRFSKKIRPDLTGMILEEGCPEG
TVCSVLIKRDSGELLPLAVRMGAIASMRIQGRLVHGQSGMLLTGANAKGMDLGTIPGDCGAPYVYKRANDWVVCGVHAAA
TKSGNTVVCAVQ
;
A
2 'polypeptide(L)'
;PPTLWSRVTKFGSGWGFWVSPTVFITTTHVIPTSAKEFFGEPLTSIAIHRAGEFTLFRFSKKIRPDLTGMILEEGCPEGT
VCSVLIKRDSGELLPLAVRMGAIASMRIQGRLVHGQSGMLLTGANAKGMDLGTIPGDCGAPYVYKRANDWVVCGVHAAAT
KSGNTVVCAVQA
;
B
#
loop_
_chem_comp.id
_chem_comp.type
_chem_comp.name
_chem_comp.formula
DMS non-polymer 'DIMETHYL SULFOXIDE' 'C2 H6 O S'
MZW non-polymer 5-ethyl-1,3,4-thiadiazol-2-amine 'C4 H7 N3 S'
#
# COMPACT_ATOMS: atom_id res chain seq x y z
N ALA A 1 -4.34 9.34 0.55
CA ALA A 1 -5.76 9.68 0.43
C ALA A 1 -6.10 10.67 1.55
N PRO A 2 -7.03 11.60 1.33
CA PRO A 2 -7.31 12.66 2.29
C PRO A 2 -7.77 12.16 3.67
N PRO A 3 -7.31 12.84 4.76
CA PRO A 3 -7.74 12.53 6.12
C PRO A 3 -9.26 12.40 6.30
N THR A 4 -10.07 13.21 5.60
CA THR A 4 -11.53 13.09 5.70
C THR A 4 -11.98 11.70 5.22
N LEU A 5 -11.35 11.10 4.20
CA LEU A 5 -11.80 9.73 3.79
C LEU A 5 -11.39 8.71 4.85
N TRP A 6 -10.19 8.79 5.40
CA TRP A 6 -9.78 7.82 6.46
C TRP A 6 -10.69 7.95 7.70
N SER A 7 -11.12 9.17 8.08
CA SER A 7 -12.04 9.43 9.22
C SER A 7 -13.35 8.66 9.05
N ARG A 8 -13.78 8.38 7.81
CA ARG A 8 -15.09 7.71 7.50
C ARG A 8 -14.98 6.18 7.67
N VAL A 9 -13.77 5.62 7.71
CA VAL A 9 -13.54 4.15 7.73
C VAL A 9 -13.64 3.68 9.20
N THR A 10 -14.62 2.85 9.52
CA THR A 10 -15.13 2.54 10.87
C THR A 10 -15.00 1.05 11.15
N LYS A 11 -14.40 0.65 12.28
CA LYS A 11 -14.30 -0.81 12.61
C LYS A 11 -15.74 -1.27 12.87
N PHE A 12 -16.15 -2.41 12.32
CA PHE A 12 -17.58 -2.83 12.28
C PHE A 12 -17.70 -4.34 12.09
N GLY A 13 -18.34 -5.03 13.07
CA GLY A 13 -18.52 -6.50 12.99
C GLY A 13 -17.18 -7.20 12.82
N SER A 14 -17.06 -8.12 11.85
CA SER A 14 -15.81 -8.83 11.50
C SER A 14 -14.95 -8.07 10.49
N GLY A 15 -15.30 -6.83 10.16
CA GLY A 15 -14.50 -6.01 9.21
C GLY A 15 -14.71 -4.53 9.45
N TRP A 16 -15.18 -3.82 8.40
CA TRP A 16 -15.24 -2.34 8.32
C TRP A 16 -16.54 -1.88 7.64
N GLY A 17 -16.86 -0.61 7.82
CA GLY A 17 -17.85 0.07 6.96
C GLY A 17 -17.46 1.51 6.80
N PHE A 18 -18.27 2.29 6.08
CA PHE A 18 -17.83 3.61 5.55
C PHE A 18 -18.99 4.59 5.63
N TRP A 19 -18.78 5.75 6.30
CA TRP A 19 -19.74 6.85 6.37
C TRP A 19 -19.68 7.70 5.08
N VAL A 20 -20.72 7.54 4.26
CA VAL A 20 -20.97 8.39 3.05
C VAL A 20 -21.42 9.82 3.44
N SER A 21 -22.18 9.93 4.52
CA SER A 21 -22.79 11.18 5.01
C SER A 21 -23.04 11.05 6.51
N PRO A 22 -23.56 12.10 7.18
CA PRO A 22 -23.94 11.97 8.60
C PRO A 22 -25.00 10.91 8.91
N THR A 23 -25.80 10.50 7.91
CA THR A 23 -26.90 9.52 8.07
C THR A 23 -26.68 8.19 7.31
N VAL A 24 -25.69 8.09 6.38
CA VAL A 24 -25.58 6.92 5.48
C VAL A 24 -24.27 6.19 5.70
N PHE A 25 -24.40 4.92 6.05
CA PHE A 25 -23.29 3.97 6.36
C PHE A 25 -23.38 2.78 5.40
N ILE A 26 -22.30 2.45 4.68
CA ILE A 26 -22.26 1.25 3.77
C ILE A 26 -21.26 0.22 4.27
N THR A 27 -21.52 -1.05 3.99
CA THR A 27 -20.68 -2.20 4.40
C THR A 27 -20.99 -3.44 3.53
N THR A 28 -20.16 -4.44 3.73
CA THR A 28 -20.27 -5.78 3.11
C THR A 28 -21.21 -6.63 3.96
N THR A 29 -22.16 -7.28 3.33
CA THR A 29 -23.26 -7.95 4.06
C THR A 29 -22.68 -8.98 5.05
N HIS A 30 -21.73 -9.81 4.62
CA HIS A 30 -21.26 -10.94 5.47
C HIS A 30 -20.52 -10.46 6.74
N VAL A 31 -20.07 -9.20 6.91
CA VAL A 31 -19.41 -8.77 8.20
C VAL A 31 -20.44 -8.33 9.26
N ILE A 32 -21.73 -8.20 8.91
CA ILE A 32 -22.76 -7.68 9.86
C ILE A 32 -23.07 -8.79 10.86
N PRO A 33 -23.02 -8.51 12.18
CA PRO A 33 -23.39 -9.51 13.18
C PRO A 33 -24.87 -9.93 13.04
N THR A 34 -25.11 -11.24 12.88
CA THR A 34 -26.43 -11.84 12.53
C THR A 34 -27.48 -11.56 13.64
N SER A 35 -27.13 -11.59 14.93
CA SER A 35 -28.16 -11.35 15.99
C SER A 35 -28.35 -9.83 16.29
N ALA A 36 -27.65 -8.91 15.63
CA ALA A 36 -27.53 -7.50 16.08
C ALA A 36 -28.85 -6.77 15.91
N LYS A 37 -29.32 -6.07 16.95
CA LYS A 37 -30.62 -5.33 17.01
C LYS A 37 -30.38 -3.85 17.28
N GLU A 38 -29.14 -3.42 17.57
CA GLU A 38 -28.79 -2.00 17.84
C GLU A 38 -27.49 -1.63 17.10
N PHE A 39 -27.48 -0.47 16.44
CA PHE A 39 -26.31 0.08 15.71
C PHE A 39 -26.14 1.55 16.08
N PHE A 40 -24.98 1.91 16.63
CA PHE A 40 -24.65 3.29 17.08
C PHE A 40 -25.76 3.80 18.02
N GLY A 41 -26.17 2.99 19.00
CA GLY A 41 -27.18 3.35 20.01
C GLY A 41 -28.63 3.37 19.50
N GLU A 42 -28.89 3.10 18.22
CA GLU A 42 -30.24 3.18 17.59
C GLU A 42 -30.83 1.79 17.42
N PRO A 43 -32.17 1.62 17.61
CA PRO A 43 -32.85 0.37 17.31
C PRO A 43 -33.10 0.23 15.80
N LEU A 44 -33.26 -1.00 15.31
CA LEU A 44 -33.58 -1.34 13.88
C LEU A 44 -34.79 -0.55 13.42
N THR A 45 -35.81 -0.46 14.28
CA THR A 45 -37.01 0.41 14.15
C THR A 45 -36.66 1.67 13.37
N SER A 46 -35.56 2.31 13.77
CA SER A 46 -35.17 3.69 13.43
C SER A 46 -34.24 3.72 12.20
N ILE A 47 -34.05 2.59 11.50
CA ILE A 47 -33.01 2.46 10.42
C ILE A 47 -33.62 1.80 9.20
N ALA A 48 -33.37 2.38 8.03
CA ALA A 48 -33.76 1.86 6.70
C ALA A 48 -32.57 1.07 6.10
N ILE A 49 -32.71 -0.28 6.05
CA ILE A 49 -31.69 -1.23 5.51
C ILE A 49 -32.03 -1.50 4.03
N HIS A 50 -31.05 -1.32 3.14
CA HIS A 50 -31.12 -1.53 1.67
C HIS A 50 -30.02 -2.53 1.30
N ARG A 51 -30.42 -3.79 1.12
CA ARG A 51 -29.49 -4.91 0.90
C ARG A 51 -29.61 -5.40 -0.55
N ALA A 52 -28.50 -5.37 -1.30
CA ALA A 52 -28.38 -6.02 -2.62
C ALA A 52 -27.19 -6.99 -2.59
N GLY A 53 -27.42 -8.26 -2.28
CA GLY A 53 -26.31 -9.25 -2.22
C GLY A 53 -25.30 -8.87 -1.15
N GLU A 54 -24.03 -8.68 -1.53
CA GLU A 54 -22.95 -8.44 -0.53
C GLU A 54 -22.85 -6.93 -0.24
N PHE A 55 -23.72 -6.11 -0.86
CA PHE A 55 -23.78 -4.66 -0.56
C PHE A 55 -24.94 -4.39 0.41
N THR A 56 -24.65 -3.72 1.53
CA THR A 56 -25.70 -3.25 2.45
C THR A 56 -25.55 -1.74 2.71
N LEU A 57 -26.63 -0.97 2.60
CA LEU A 57 -26.67 0.47 3.00
C LEU A 57 -27.64 0.63 4.18
N PHE A 58 -27.18 1.34 5.24
CA PHE A 58 -27.92 1.70 6.48
C PHE A 58 -28.21 3.21 6.40
N ARG A 59 -29.49 3.60 6.41
CA ARG A 59 -29.88 5.04 6.43
C ARG A 59 -30.53 5.31 7.79
N PHE A 60 -29.91 6.19 8.59
CA PHE A 60 -30.33 6.52 9.98
C PHE A 60 -31.31 7.70 9.95
N SER A 61 -32.24 7.77 10.90
CA SER A 61 -33.25 8.86 10.96
C SER A 61 -32.67 10.04 11.78
N LYS A 62 -31.49 9.87 12.39
CA LYS A 62 -30.79 10.96 13.12
C LYS A 62 -29.35 11.06 12.58
N LYS A 63 -28.71 12.22 12.68
CA LYS A 63 -27.30 12.40 12.25
C LYS A 63 -26.37 11.73 13.25
N ILE A 64 -25.80 10.61 12.87
CA ILE A 64 -24.84 9.87 13.74
C ILE A 64 -23.48 10.55 13.60
N ARG A 65 -23.10 11.00 12.40
CA ARG A 65 -21.75 11.61 12.15
C ARG A 65 -21.90 13.03 11.61
N PRO A 66 -22.31 14.01 12.45
CA PRO A 66 -22.46 15.40 11.99
C PRO A 66 -21.15 16.14 11.67
N ASP A 67 -20.01 15.57 12.02
CA ASP A 67 -18.69 16.12 11.66
C ASP A 67 -18.44 15.99 10.14
N LEU A 68 -19.12 15.07 9.44
CA LEU A 68 -18.87 14.81 8.00
C LEU A 68 -19.83 15.61 7.09
N THR A 69 -19.33 15.89 5.88
CA THR A 69 -20.16 16.32 4.72
C THR A 69 -20.58 15.07 3.91
N GLY A 70 -21.75 15.08 3.30
CA GLY A 70 -22.14 14.05 2.33
C GLY A 70 -21.27 14.11 1.06
N MET A 71 -20.85 12.92 0.59
CA MET A 71 -20.04 12.78 -0.65
C MET A 71 -20.81 11.91 -1.68
N ILE A 72 -20.28 11.80 -2.89
CA ILE A 72 -20.91 10.98 -3.98
C ILE A 72 -20.60 9.46 -3.80
N LEU A 73 -21.65 8.62 -3.79
CA LEU A 73 -21.64 7.15 -3.91
C LEU A 73 -22.16 6.78 -5.31
N GLU A 74 -21.35 6.13 -6.11
CA GLU A 74 -21.78 5.63 -7.44
C GLU A 74 -21.84 4.11 -7.49
N GLU A 75 -22.48 3.57 -8.53
CA GLU A 75 -22.69 2.10 -8.69
C GLU A 75 -21.52 1.50 -9.47
N GLY A 76 -20.40 1.22 -8.82
CA GLY A 76 -19.15 0.82 -9.47
C GLY A 76 -18.54 1.98 -10.24
N CYS A 77 -17.51 1.68 -11.08
CA CYS A 77 -16.78 2.69 -11.90
C CYS A 77 -16.45 2.19 -13.31
N PRO A 78 -16.03 3.09 -14.24
CA PRO A 78 -15.67 2.66 -15.57
C PRO A 78 -14.55 1.61 -15.43
N GLU A 79 -14.71 0.63 -16.28
CA GLU A 79 -13.68 -0.36 -16.63
C GLU A 79 -12.40 0.44 -16.88
N GLY A 80 -11.29 -0.02 -16.30
CA GLY A 80 -9.98 0.65 -16.47
C GLY A 80 -9.67 1.72 -15.43
N THR A 81 -10.64 2.13 -14.61
CA THR A 81 -10.39 3.13 -13.53
C THR A 81 -9.43 2.53 -12.51
N VAL A 82 -8.42 3.30 -12.07
CA VAL A 82 -7.57 2.87 -10.92
C VAL A 82 -8.19 3.42 -9.63
N CYS A 83 -8.51 2.53 -8.71
CA CYS A 83 -9.05 2.93 -7.39
C CYS A 83 -8.01 2.65 -6.27
N SER A 84 -8.26 3.21 -5.09
CA SER A 84 -7.57 2.86 -3.83
C SER A 84 -8.56 2.16 -2.87
N VAL A 85 -8.18 1.01 -2.30
CA VAL A 85 -8.96 0.33 -1.24
C VAL A 85 -8.43 0.81 0.12
N LEU A 86 -9.27 1.44 0.95
CA LEU A 86 -8.72 2.16 2.16
C LEU A 86 -8.69 1.20 3.35
N ILE A 87 -7.58 0.48 3.49
CA ILE A 87 -7.39 -0.62 4.46
C ILE A 87 -6.65 -0.12 5.73
N LYS A 88 -7.23 -0.32 6.93
CA LYS A 88 -6.52 -0.02 8.21
C LYS A 88 -5.84 -1.30 8.73
N ARG A 89 -4.60 -1.21 9.20
CA ARG A 89 -3.82 -2.38 9.73
C ARG A 89 -3.18 -2.11 11.14
N ASP A 90 -2.54 -3.14 11.71
CA ASP A 90 -2.09 -3.18 13.13
C ASP A 90 -1.19 -1.99 13.45
N SER A 91 -1.90 -0.97 13.96
CA SER A 91 -1.43 0.15 14.81
C SER A 91 -1.31 1.46 14.02
N GLY A 92 -2.46 2.05 13.68
CA GLY A 92 -2.50 3.30 12.90
C GLY A 92 -1.72 3.22 11.59
N GLU A 93 -1.38 2.01 11.11
CA GLU A 93 -0.86 1.93 9.71
C GLU A 93 -2.05 1.95 8.72
N LEU A 94 -1.92 2.76 7.66
CA LEU A 94 -2.93 3.02 6.62
C LEU A 94 -2.43 2.51 5.26
N LEU A 95 -3.15 1.56 4.66
CA LEU A 95 -2.71 0.88 3.42
C LEU A 95 -3.72 1.16 2.29
N PRO A 96 -3.54 2.27 1.51
CA PRO A 96 -4.36 2.55 0.34
C PRO A 96 -3.95 1.73 -0.90
N LEU A 97 -4.44 0.47 -0.98
CA LEU A 97 -3.98 -0.51 -1.98
C LEU A 97 -4.52 -0.09 -3.36
N ALA A 98 -3.63 0.05 -4.32
CA ALA A 98 -3.97 0.43 -5.72
C ALA A 98 -4.59 -0.79 -6.46
N VAL A 99 -5.70 -0.57 -7.19
CA VAL A 99 -6.44 -1.63 -7.91
C VAL A 99 -6.92 -1.09 -9.27
N ARG A 100 -6.69 -1.84 -10.35
CA ARG A 100 -7.25 -1.59 -11.71
C ARG A 100 -8.59 -2.35 -11.84
N MET A 101 -9.66 -1.61 -12.04
CA MET A 101 -11.02 -2.20 -12.00
C MET A 101 -11.36 -2.71 -13.43
N GLY A 102 -12.08 -3.83 -13.47
CA GLY A 102 -12.59 -4.46 -14.70
C GLY A 102 -14.09 -4.62 -14.70
N ALA A 103 -14.60 -5.72 -15.29
CA ALA A 103 -16.04 -5.92 -15.54
C ALA A 103 -16.76 -6.40 -14.27
N ILE A 104 -18.08 -6.22 -14.27
CA ILE A 104 -19.00 -6.93 -13.35
C ILE A 104 -18.85 -8.45 -13.60
N ALA A 105 -18.69 -9.22 -12.53
CA ALA A 105 -18.35 -10.66 -12.59
C ALA A 105 -19.11 -11.48 -11.55
N SER A 106 -19.42 -12.72 -11.90
CA SER A 106 -19.87 -13.78 -10.96
C SER A 106 -18.78 -14.85 -10.89
N MET A 107 -18.35 -15.17 -9.68
CA MET A 107 -17.21 -16.04 -9.35
C MET A 107 -17.61 -17.01 -8.23
N ARG A 108 -16.88 -18.10 -8.16
CA ARG A 108 -16.82 -18.98 -6.99
C ARG A 108 -15.45 -18.80 -6.33
N ILE A 109 -15.46 -18.36 -5.08
CA ILE A 109 -14.23 -18.12 -4.26
C ILE A 109 -14.31 -18.93 -2.96
N GLN A 110 -13.38 -19.88 -2.83
CA GLN A 110 -13.39 -20.98 -1.84
C GLN A 110 -14.84 -21.45 -1.67
N GLY A 111 -15.44 -21.23 -0.50
CA GLY A 111 -16.78 -21.76 -0.23
C GLY A 111 -17.91 -20.78 -0.47
N ARG A 112 -17.87 -19.95 -1.52
CA ARG A 112 -18.90 -18.88 -1.70
C ARG A 112 -19.07 -18.49 -3.17
N LEU A 113 -20.30 -18.19 -3.57
CA LEU A 113 -20.62 -17.53 -4.87
C LEU A 113 -20.68 -16.03 -4.62
N VAL A 114 -19.85 -15.30 -5.37
CA VAL A 114 -19.60 -13.85 -5.20
C VAL A 114 -19.96 -13.12 -6.50
N HIS A 115 -20.63 -11.97 -6.37
CA HIS A 115 -21.05 -11.09 -7.48
C HIS A 115 -20.71 -9.64 -7.15
N GLY A 116 -19.94 -9.00 -8.02
CA GLY A 116 -19.61 -7.57 -7.91
C GLY A 116 -18.69 -7.10 -9.01
N GLN A 117 -17.95 -6.01 -8.77
CA GLN A 117 -16.99 -5.50 -9.78
C GLN A 117 -15.60 -6.09 -9.49
N SER A 118 -15.04 -6.81 -10.47
CA SER A 118 -13.69 -7.41 -10.35
C SER A 118 -12.62 -6.32 -10.54
N GLY A 119 -11.47 -6.55 -9.95
CA GLY A 119 -10.26 -5.76 -10.18
C GLY A 119 -8.98 -6.54 -9.92
N MET A 120 -7.85 -5.98 -10.34
CA MET A 120 -6.53 -6.64 -10.15
C MET A 120 -5.60 -5.69 -9.37
N LEU A 121 -5.01 -6.21 -8.31
CA LEU A 121 -4.09 -5.37 -7.49
C LEU A 121 -2.89 -4.93 -8.31
N LEU A 122 -2.46 -3.68 -8.07
CA LEU A 122 -1.28 -3.03 -8.67
C LEU A 122 -0.17 -2.81 -7.65
N THR A 123 -0.05 -3.73 -6.70
CA THR A 123 0.93 -3.63 -5.56
C THR A 123 2.18 -4.49 -5.78
N GLY A 124 2.12 -5.52 -6.62
CA GLY A 124 3.15 -6.55 -6.75
C GLY A 124 2.65 -7.68 -7.62
N ALA A 125 3.54 -8.56 -8.06
CA ALA A 125 3.18 -9.68 -8.99
C ALA A 125 2.43 -10.80 -8.26
N ASN A 126 2.78 -11.05 -6.99
CA ASN A 126 2.18 -12.15 -6.18
C ASN A 126 1.80 -11.56 -4.83
N ALA A 127 0.56 -11.10 -4.76
CA ALA A 127 0.06 -10.24 -3.67
C ALA A 127 -0.60 -11.09 -2.59
N LYS A 128 -0.34 -12.40 -2.56
CA LYS A 128 -0.92 -13.31 -1.54
C LYS A 128 -0.41 -12.90 -0.16
N GLY A 129 -1.28 -12.54 0.79
CA GLY A 129 -0.84 -12.24 2.16
C GLY A 129 -0.82 -10.76 2.48
N MET A 130 -0.44 -10.42 3.71
CA MET A 130 -0.87 -9.17 4.36
C MET A 130 0.01 -7.98 3.94
N ASP A 131 1.20 -8.21 3.38
CA ASP A 131 2.19 -7.12 3.10
C ASP A 131 1.80 -6.36 1.82
N LEU A 132 1.38 -7.09 0.75
CA LEU A 132 1.06 -6.49 -0.57
C LEU A 132 -0.41 -6.71 -0.92
N GLY A 133 -1.14 -7.54 -0.15
CA GLY A 133 -2.53 -7.90 -0.51
C GLY A 133 -3.56 -7.72 0.59
N THR A 134 -4.75 -8.26 0.35
CA THR A 134 -5.90 -8.24 1.30
C THR A 134 -5.87 -9.49 2.19
N ILE A 135 -6.56 -9.38 3.31
CA ILE A 135 -6.82 -10.45 4.32
C ILE A 135 -8.33 -10.44 4.62
N PRO A 136 -8.92 -11.54 5.14
CA PRO A 136 -10.38 -11.61 5.31
C PRO A 136 -10.93 -10.48 6.21
N GLY A 137 -10.13 -10.00 7.17
CA GLY A 137 -10.48 -8.90 8.07
C GLY A 137 -10.66 -7.57 7.35
N ASP A 138 -10.27 -7.47 6.08
CA ASP A 138 -10.39 -6.20 5.31
C ASP A 138 -11.77 -6.05 4.67
N CYS A 139 -12.67 -7.02 4.80
CA CYS A 139 -14.01 -6.97 4.17
C CYS A 139 -14.76 -5.73 4.68
N GLY A 140 -15.40 -4.98 3.78
CA GLY A 140 -16.05 -3.70 4.09
C GLY A 140 -15.26 -2.45 3.79
N ALA A 141 -13.94 -2.54 3.53
CA ALA A 141 -13.11 -1.36 3.23
C ALA A 141 -13.58 -0.72 1.91
N PRO A 142 -13.67 0.63 1.87
CA PRO A 142 -14.15 1.30 0.67
C PRO A 142 -13.17 1.34 -0.50
N TYR A 143 -13.75 1.32 -1.72
CA TYR A 143 -13.05 1.53 -3.02
C TYR A 143 -13.32 3.00 -3.43
N VAL A 144 -12.27 3.82 -3.56
CA VAL A 144 -12.43 5.27 -3.85
C VAL A 144 -11.54 5.68 -5.02
N TYR A 145 -11.90 6.78 -5.68
CA TYR A 145 -11.05 7.38 -6.73
C TYR A 145 -11.31 8.88 -6.82
N LYS A 146 -10.30 9.58 -7.32
CA LYS A 146 -10.35 11.05 -7.58
C LYS A 146 -10.81 11.34 -9.01
N ARG A 147 -11.79 12.24 -9.16
CA ARG A 147 -12.27 12.70 -10.49
CA ARG A 147 -12.22 12.71 -10.51
C ARG A 147 -12.37 14.23 -10.46
N ALA A 148 -11.67 14.92 -11.36
CA ALA A 148 -11.56 16.41 -11.37
C ALA A 148 -11.17 16.88 -9.96
N ASN A 149 -12.06 17.55 -9.23
CA ASN A 149 -11.75 18.11 -7.89
C ASN A 149 -12.34 17.27 -6.74
N ASP A 150 -13.14 16.26 -7.07
CA ASP A 150 -14.00 15.45 -6.17
C ASP A 150 -13.32 14.11 -5.88
N TRP A 151 -13.58 13.46 -4.75
CA TRP A 151 -13.39 12.00 -4.55
C TRP A 151 -14.78 11.30 -4.55
N VAL A 152 -14.86 10.09 -5.11
CA VAL A 152 -16.06 9.22 -5.25
C VAL A 152 -15.79 7.92 -4.49
N VAL A 153 -16.82 7.39 -3.83
CA VAL A 153 -16.82 5.98 -3.36
C VAL A 153 -17.71 5.17 -4.29
N CYS A 154 -17.25 3.99 -4.69
CA CYS A 154 -17.97 3.16 -5.71
C CYS A 154 -18.13 1.70 -5.30
N GLY A 155 -17.76 1.32 -4.06
CA GLY A 155 -18.08 -0.04 -3.59
C GLY A 155 -17.36 -0.34 -2.29
N VAL A 156 -17.53 -1.57 -1.80
CA VAL A 156 -16.89 -2.10 -0.56
C VAL A 156 -16.28 -3.48 -0.81
N HIS A 157 -15.18 -3.77 -0.13
CA HIS A 157 -14.39 -5.01 -0.35
C HIS A 157 -15.21 -6.24 0.07
N ALA A 158 -15.40 -7.19 -0.86
CA ALA A 158 -16.21 -8.40 -0.61
C ALA A 158 -15.39 -9.69 -0.59
N ALA A 159 -14.38 -9.81 -1.44
CA ALA A 159 -13.61 -11.08 -1.58
C ALA A 159 -12.26 -10.91 -2.29
N ALA A 160 -11.39 -11.88 -2.14
CA ALA A 160 -10.16 -12.02 -2.94
C ALA A 160 -9.94 -13.48 -3.31
N THR A 161 -9.36 -13.71 -4.49
CA THR A 161 -9.01 -15.08 -4.93
C THR A 161 -7.88 -15.67 -4.08
N LYS A 162 -7.78 -17.01 -4.11
CA LYS A 162 -6.71 -17.78 -3.42
C LYS A 162 -5.32 -17.18 -3.72
N SER A 163 -5.05 -16.83 -5.00
CA SER A 163 -3.77 -16.22 -5.47
C SER A 163 -3.59 -14.83 -4.87
N GLY A 164 -4.68 -14.17 -4.53
CA GLY A 164 -4.67 -12.78 -4.01
C GLY A 164 -4.66 -11.70 -5.08
N ASN A 165 -4.36 -12.00 -6.36
CA ASN A 165 -4.20 -10.97 -7.43
C ASN A 165 -5.58 -10.33 -7.81
N THR A 166 -6.67 -11.07 -7.78
CA THR A 166 -8.05 -10.61 -8.11
C THR A 166 -8.83 -10.33 -6.80
N VAL A 167 -9.49 -9.18 -6.76
CA VAL A 167 -10.44 -8.73 -5.71
C VAL A 167 -11.81 -8.43 -6.33
N VAL A 168 -12.83 -8.47 -5.48
CA VAL A 168 -14.23 -8.16 -5.85
C VAL A 168 -14.81 -7.10 -4.90
N CYS A 169 -15.26 -5.99 -5.48
CA CYS A 169 -15.97 -4.84 -4.89
C CYS A 169 -17.48 -5.12 -4.94
N ALA A 170 -18.20 -5.19 -3.82
CA ALA A 170 -19.68 -5.23 -3.86
C ALA A 170 -20.20 -3.84 -4.21
N VAL A 171 -21.21 -3.73 -5.08
CA VAL A 171 -21.68 -2.42 -5.61
C VAL A 171 -23.16 -2.26 -5.31
N GLN A 172 -23.59 -1.01 -5.26
CA GLN A 172 -25.01 -0.69 -5.01
C GLN A 172 -25.79 -1.04 -6.28
N PRO B 1 4.79 -13.32 12.73
CA PRO B 1 6.14 -12.79 12.38
C PRO B 1 6.21 -11.28 12.15
N PRO B 2 7.40 -10.63 12.30
CA PRO B 2 7.61 -9.27 11.81
C PRO B 2 7.36 -9.20 10.29
N THR B 3 6.48 -8.31 9.91
CA THR B 3 6.16 -7.90 8.50
C THR B 3 7.41 -7.35 7.79
N LEU B 4 7.43 -7.37 6.46
CA LEU B 4 8.44 -6.62 5.68
C LEU B 4 8.42 -5.14 6.09
N TRP B 5 7.25 -4.58 6.39
CA TRP B 5 7.10 -3.11 6.63
C TRP B 5 7.87 -2.68 7.89
N SER B 6 7.99 -3.55 8.91
CA SER B 6 8.73 -3.17 10.14
C SER B 6 10.22 -2.97 9.82
N ARG B 7 10.70 -3.49 8.71
CA ARG B 7 12.12 -3.31 8.27
C ARG B 7 12.39 -1.92 7.62
N VAL B 8 11.36 -1.22 7.17
CA VAL B 8 11.49 0.09 6.47
C VAL B 8 11.48 1.17 7.57
N THR B 9 12.56 1.92 7.67
CA THR B 9 12.96 2.80 8.84
C THR B 9 13.29 4.22 8.34
N LYS B 10 12.79 5.27 9.01
CA LYS B 10 13.11 6.67 8.60
C LYS B 10 14.61 6.87 8.87
N PHE B 11 15.33 7.46 7.92
CA PHE B 11 16.80 7.64 7.95
C PHE B 11 17.21 8.89 7.16
N GLY B 12 17.96 9.82 7.80
CA GLY B 12 18.47 10.99 7.08
C GLY B 12 17.36 11.81 6.45
N SER B 13 17.51 12.14 5.17
CA SER B 13 16.47 12.87 4.40
C SER B 13 15.53 11.88 3.71
N GLY B 14 15.63 10.56 3.98
CA GLY B 14 14.66 9.57 3.41
C GLY B 14 14.48 8.34 4.31
N TRP B 15 14.82 7.15 3.79
CA TRP B 15 14.49 5.84 4.39
C TRP B 15 15.65 4.87 4.21
N GLY B 16 15.56 3.74 4.91
CA GLY B 16 16.40 2.56 4.66
C GLY B 16 15.70 1.27 5.05
N PHE B 17 16.40 0.14 4.89
CA PHE B 17 15.83 -1.20 5.08
C PHE B 17 16.78 -2.12 5.87
N TRP B 18 16.24 -2.75 6.92
CA TRP B 18 16.94 -3.84 7.67
C TRP B 18 16.86 -5.17 6.90
N VAL B 19 18.00 -5.58 6.35
CA VAL B 19 18.18 -6.91 5.70
C VAL B 19 18.29 -8.01 6.76
N SER B 20 18.94 -7.72 7.89
CA SER B 20 19.14 -8.68 9.00
C SER B 20 19.31 -7.90 10.31
N PRO B 21 19.51 -8.55 11.48
CA PRO B 21 19.74 -7.80 12.72
C PRO B 21 20.95 -6.86 12.69
N THR B 22 21.93 -7.08 11.80
CA THR B 22 23.19 -6.29 11.70
C THR B 22 23.33 -5.53 10.37
N VAL B 23 22.49 -5.73 9.37
CA VAL B 23 22.74 -5.13 8.03
C VAL B 23 21.55 -4.21 7.66
N PHE B 24 21.87 -2.95 7.34
CA PHE B 24 20.95 -1.86 6.96
C PHE B 24 21.39 -1.29 5.60
N ILE B 25 20.48 -1.15 4.63
CA ILE B 25 20.79 -0.60 3.26
C ILE B 25 20.00 0.70 3.05
N THR B 26 20.55 1.64 2.30
CA THR B 26 19.93 2.96 2.01
C THR B 26 20.54 3.55 0.73
N THR B 27 19.97 4.69 0.29
CA THR B 27 20.44 5.50 -0.86
C THR B 27 21.52 6.44 -0.33
N THR B 28 22.67 6.48 -0.98
CA THR B 28 23.87 7.25 -0.53
C THR B 28 23.46 8.72 -0.25
N HIS B 29 22.68 9.37 -1.11
CA HIS B 29 22.46 10.84 -0.98
C HIS B 29 21.58 11.20 0.22
N VAL B 30 20.86 10.25 0.84
CA VAL B 30 20.01 10.60 2.03
C VAL B 30 20.84 10.52 3.34
N ILE B 31 22.06 9.97 3.32
CA ILE B 31 22.85 9.76 4.58
C ILE B 31 23.34 11.12 5.09
N PRO B 32 23.17 11.46 6.37
CA PRO B 32 23.78 12.69 6.92
C PRO B 32 25.29 12.77 6.64
N THR B 33 25.77 13.98 6.41
CA THR B 33 27.20 14.29 6.19
C THR B 33 27.90 14.78 7.48
N SER B 34 27.14 15.01 8.56
CA SER B 34 27.67 15.33 9.91
CA SER B 34 27.68 15.32 9.90
C SER B 34 27.07 14.34 10.92
N ALA B 35 27.84 13.37 11.43
CA ALA B 35 27.36 12.35 12.37
C ALA B 35 28.53 11.73 13.17
N LYS B 36 28.29 11.40 14.45
CA LYS B 36 29.25 10.56 15.24
C LYS B 36 28.67 9.19 15.57
N GLU B 37 27.36 8.98 15.36
CA GLU B 37 26.65 7.71 15.63
C GLU B 37 25.46 7.57 14.67
N PHE B 38 25.05 6.32 14.44
CA PHE B 38 23.76 5.93 13.82
C PHE B 38 23.11 4.85 14.69
N PHE B 39 21.81 5.01 14.97
CA PHE B 39 21.02 4.04 15.75
C PHE B 39 21.71 3.77 17.11
N GLY B 40 22.31 4.81 17.68
CA GLY B 40 23.02 4.75 18.98
C GLY B 40 24.36 4.02 18.97
N GLU B 41 24.90 3.62 17.82
CA GLU B 41 26.21 2.92 17.75
C GLU B 41 27.23 3.91 17.21
N PRO B 42 28.47 3.96 17.76
CA PRO B 42 29.47 4.88 17.26
C PRO B 42 29.94 4.45 15.85
N LEU B 43 30.32 5.41 15.01
CA LEU B 43 30.77 5.13 13.62
C LEU B 43 31.97 4.18 13.60
N THR B 44 32.85 4.25 14.59
CA THR B 44 34.03 3.35 14.72
C THR B 44 33.56 1.90 14.84
N SER B 45 32.31 1.70 15.27
CA SER B 45 31.66 0.38 15.39
C SER B 45 30.98 -0.03 14.07
N ILE B 46 30.90 0.83 13.06
CA ILE B 46 30.10 0.56 11.82
C ILE B 46 30.99 0.46 10.57
N ALA B 47 30.84 -0.63 9.79
CA ALA B 47 31.46 -0.82 8.44
C ALA B 47 30.54 -0.24 7.36
N ILE B 48 31.00 0.74 6.59
CA ILE B 48 30.21 1.44 5.53
C ILE B 48 30.77 1.03 4.16
N HIS B 49 29.97 0.33 3.33
CA HIS B 49 30.33 -0.10 1.96
C HIS B 49 29.50 0.72 0.96
N ARG B 50 30.13 1.66 0.26
CA ARG B 50 29.40 2.55 -0.69
C ARG B 50 29.75 2.14 -2.12
N ALA B 51 28.75 2.12 -3.00
CA ALA B 51 28.89 1.84 -4.45
C ALA B 51 27.91 2.76 -5.19
N GLY B 52 28.37 3.94 -5.62
CA GLY B 52 27.48 4.96 -6.22
C GLY B 52 26.33 5.32 -5.27
N GLU B 53 25.09 5.24 -5.75
CA GLU B 53 23.90 5.61 -4.93
C GLU B 53 23.44 4.45 -4.00
N PHE B 54 24.16 3.31 -3.94
CA PHE B 54 23.87 2.19 -3.01
C PHE B 54 24.85 2.20 -1.82
N THR B 55 24.37 2.27 -0.56
CA THR B 55 25.20 2.10 0.66
C THR B 55 24.66 0.99 1.56
N LEU B 56 25.60 0.14 2.04
CA LEU B 56 25.35 -0.92 3.03
C LEU B 56 26.10 -0.59 4.32
N PHE B 57 25.40 -0.63 5.46
CA PHE B 57 25.98 -0.56 6.83
CA PHE B 57 25.97 -0.56 6.84
C PHE B 57 25.98 -1.96 7.46
N ARG B 58 27.12 -2.37 8.03
CA ARG B 58 27.21 -3.61 8.85
CA ARG B 58 27.22 -3.61 8.84
C ARG B 58 27.62 -3.23 10.28
N PHE B 59 26.74 -3.45 11.25
CA PHE B 59 26.90 -3.12 12.71
C PHE B 59 27.63 -4.25 13.43
N SER B 60 28.44 -3.95 14.46
CA SER B 60 29.19 -5.01 15.20
C SER B 60 28.28 -5.66 16.26
N LYS B 61 27.12 -5.08 16.54
CA LYS B 61 26.12 -5.73 17.42
C LYS B 61 24.73 -5.76 16.79
N LYS B 62 23.87 -6.61 17.34
CA LYS B 62 22.49 -6.85 16.86
C LYS B 62 21.63 -5.64 17.22
N ILE B 63 21.28 -4.83 16.23
CA ILE B 63 20.39 -3.64 16.41
C ILE B 63 18.93 -4.07 16.32
N ARG B 64 18.61 -5.02 15.45
CA ARG B 64 17.21 -5.50 15.26
C ARG B 64 17.20 -7.01 15.46
N PRO B 65 17.39 -7.53 16.70
CA PRO B 65 17.46 -8.98 16.93
C PRO B 65 16.11 -9.69 16.71
N ASP B 66 15.02 -8.92 16.63
CA ASP B 66 13.66 -9.43 16.31
C ASP B 66 13.61 -9.96 14.85
N LEU B 67 14.54 -9.59 13.97
CA LEU B 67 14.48 -9.96 12.53
C LEU B 67 15.27 -11.23 12.20
N THR B 68 14.81 -12.00 11.19
CA THR B 68 15.65 -13.00 10.47
C THR B 68 16.34 -12.35 9.26
N GLY B 69 17.48 -12.93 8.84
CA GLY B 69 18.23 -12.56 7.63
C GLY B 69 17.46 -12.86 6.36
N MET B 70 17.38 -11.89 5.46
CA MET B 70 16.75 -11.95 4.12
C MET B 70 17.82 -12.08 3.04
N ILE B 71 17.43 -12.63 1.89
CA ILE B 71 18.28 -12.66 0.66
C ILE B 71 18.40 -11.24 0.07
N LEU B 72 19.63 -10.74 -0.06
CA LEU B 72 20.01 -9.50 -0.81
C LEU B 72 20.76 -9.88 -2.10
N GLU B 73 20.25 -9.42 -3.26
CA GLU B 73 20.92 -9.67 -4.57
C GLU B 73 21.25 -8.34 -5.26
N GLU B 74 22.12 -8.40 -6.27
CA GLU B 74 22.61 -7.26 -7.07
C GLU B 74 21.60 -7.03 -8.19
N GLY B 75 20.48 -6.37 -7.90
CA GLY B 75 19.40 -6.20 -8.89
C GLY B 75 18.68 -7.51 -9.14
N CYS B 76 17.85 -7.57 -10.19
CA CYS B 76 17.04 -8.76 -10.48
C CYS B 76 17.05 -8.99 -11.99
N PRO B 77 16.59 -10.17 -12.47
CA PRO B 77 16.45 -10.40 -13.91
C PRO B 77 15.52 -9.36 -14.60
N GLU B 78 15.89 -9.00 -15.81
CA GLU B 78 15.11 -8.09 -16.68
C GLU B 78 13.68 -8.69 -16.77
N GLY B 79 12.68 -7.83 -16.57
CA GLY B 79 11.24 -8.16 -16.63
C GLY B 79 10.67 -8.57 -15.27
N THR B 80 11.50 -8.74 -14.23
CA THR B 80 10.95 -9.04 -12.88
C THR B 80 10.01 -7.90 -12.42
N VAL B 81 8.83 -8.21 -11.89
CA VAL B 81 7.93 -7.18 -11.28
C VAL B 81 8.28 -7.10 -9.78
N CYS B 82 8.87 -5.99 -9.35
CA CYS B 82 9.17 -5.70 -7.93
C CYS B 82 8.07 -4.82 -7.33
N SER B 83 8.05 -4.75 -6.00
CA SER B 83 7.27 -3.76 -5.20
C SER B 83 8.29 -2.81 -4.57
N VAL B 84 8.07 -1.50 -4.74
CA VAL B 84 8.80 -0.48 -3.95
C VAL B 84 7.96 -0.21 -2.69
N LEU B 85 8.55 -0.44 -1.50
CA LEU B 85 7.85 -0.36 -0.20
C LEU B 85 7.97 1.06 0.36
N ILE B 86 7.11 1.96 -0.10
CA ILE B 86 7.11 3.42 0.24
C ILE B 86 6.40 3.64 1.59
N LYS B 87 7.09 4.23 2.59
CA LYS B 87 6.39 4.78 3.79
C LYS B 87 6.29 6.30 3.67
N ARG B 88 5.19 6.89 4.15
CA ARG B 88 4.97 8.37 4.17
C ARG B 88 4.81 8.80 5.63
N ASP B 89 5.13 10.04 5.95
CA ASP B 89 4.97 10.56 7.32
C ASP B 89 3.49 10.65 7.77
N SER B 90 2.49 10.58 6.89
CA SER B 90 1.05 10.42 7.27
C SER B 90 0.75 9.11 8.05
N GLY B 91 1.62 8.10 7.94
CA GLY B 91 1.39 6.72 8.41
C GLY B 91 0.87 5.81 7.28
N GLU B 92 0.78 6.34 6.06
CA GLU B 92 0.43 5.54 4.86
C GLU B 92 1.62 4.66 4.42
N LEU B 93 1.28 3.44 4.01
CA LEU B 93 2.16 2.41 3.37
C LEU B 93 1.70 2.29 1.91
N LEU B 94 2.61 2.48 0.93
CA LEU B 94 2.27 2.52 -0.52
C LEU B 94 3.14 1.51 -1.26
N PRO B 95 2.74 0.23 -1.32
CA PRO B 95 3.46 -0.74 -2.14
C PRO B 95 3.02 -0.53 -3.61
N LEU B 96 3.97 -0.23 -4.47
CA LEU B 96 3.74 0.05 -5.93
C LEU B 96 4.49 -0.96 -6.80
N ALA B 97 3.78 -1.61 -7.74
CA ALA B 97 4.36 -2.54 -8.75
C ALA B 97 5.22 -1.74 -9.75
N VAL B 98 6.43 -2.25 -9.99
CA VAL B 98 7.43 -1.69 -10.94
C VAL B 98 8.00 -2.82 -11.79
N ARG B 99 7.95 -2.67 -13.14
CA ARG B 99 8.61 -3.62 -14.07
C ARG B 99 10.07 -3.19 -14.24
N MET B 100 10.99 -4.09 -13.92
CA MET B 100 12.45 -3.82 -13.88
C MET B 100 13.04 -4.09 -15.27
N GLY B 101 13.90 -3.21 -15.71
CA GLY B 101 14.59 -3.29 -17.00
C GLY B 101 16.09 -3.43 -16.83
N ALA B 102 16.85 -2.78 -17.69
CA ALA B 102 18.29 -2.98 -17.78
C ALA B 102 18.98 -2.06 -16.76
N ILE B 103 20.15 -2.47 -16.38
CA ILE B 103 21.17 -1.66 -15.63
C ILE B 103 21.71 -0.65 -16.63
N ALA B 104 21.75 0.65 -16.28
CA ALA B 104 22.16 1.69 -17.25
C ALA B 104 22.52 2.98 -16.51
N SER B 105 23.16 3.92 -17.19
CA SER B 105 23.23 5.35 -16.77
C SER B 105 22.11 6.15 -17.45
N MET B 106 21.21 6.69 -16.65
CA MET B 106 20.02 7.35 -17.22
C MET B 106 20.02 8.81 -16.84
N ARG B 107 19.52 9.64 -17.76
CA ARG B 107 19.34 11.07 -17.52
C ARG B 107 17.99 11.23 -16.84
N ILE B 108 17.99 11.63 -15.57
CA ILE B 108 16.74 11.76 -14.77
C ILE B 108 16.71 13.20 -14.32
N GLN B 109 15.82 14.01 -14.90
CA GLN B 109 15.71 15.45 -14.56
C GLN B 109 17.10 16.09 -14.66
N GLY B 110 17.76 15.88 -15.80
CA GLY B 110 19.02 16.58 -16.13
C GLY B 110 20.24 16.02 -15.41
N ARG B 111 20.11 14.95 -14.63
CA ARG B 111 21.23 14.39 -13.81
C ARG B 111 21.43 12.93 -14.22
N LEU B 112 22.69 12.47 -14.23
CA LEU B 112 23.06 11.06 -14.51
C LEU B 112 22.96 10.20 -13.24
N VAL B 113 22.16 9.14 -13.28
CA VAL B 113 22.05 8.16 -12.18
C VAL B 113 22.32 6.78 -12.77
N HIS B 114 23.18 6.00 -12.10
CA HIS B 114 23.49 4.60 -12.46
C HIS B 114 22.72 3.64 -11.55
N GLY B 115 21.95 2.71 -12.16
CA GLY B 115 21.22 1.66 -11.43
C GLY B 115 20.30 0.85 -12.36
N GLN B 116 19.38 0.08 -11.77
CA GLN B 116 18.40 -0.70 -12.59
C GLN B 116 17.19 0.19 -12.88
N SER B 117 16.90 0.40 -14.18
CA SER B 117 15.70 1.15 -14.61
C SER B 117 14.45 0.37 -14.22
N GLY B 118 13.37 1.07 -13.96
CA GLY B 118 12.06 0.43 -13.84
C GLY B 118 10.92 1.35 -14.34
N MET B 119 9.78 0.76 -14.64
CA MET B 119 8.59 1.54 -15.08
C MET B 119 7.42 1.22 -14.13
N LEU B 120 6.85 2.25 -13.50
CA LEU B 120 5.68 2.09 -12.61
C LEU B 120 4.54 1.44 -13.42
N LEU B 121 3.81 0.53 -12.79
CA LEU B 121 2.66 -0.18 -13.44
C LEU B 121 1.29 0.32 -12.93
N THR B 122 1.23 1.49 -12.30
CA THR B 122 0.03 2.05 -11.65
C THR B 122 -0.72 3.02 -12.59
N GLY B 123 -0.30 3.18 -13.84
CA GLY B 123 -1.11 3.83 -14.86
C GLY B 123 -0.86 5.33 -15.00
N ALA B 124 -1.49 5.90 -16.02
CA ALA B 124 -1.37 7.30 -16.49
C ALA B 124 -1.12 8.27 -15.34
N ASN B 125 -2.04 9.21 -15.13
CA ASN B 125 -1.74 10.53 -14.54
C ASN B 125 -1.70 10.43 -13.02
N ALA B 126 -2.12 9.31 -12.45
CA ALA B 126 -2.11 9.06 -10.98
C ALA B 126 -2.77 10.23 -10.23
N LYS B 127 -3.45 11.15 -10.96
CA LYS B 127 -3.89 12.54 -10.58
C LYS B 127 -3.24 12.97 -9.26
N GLY B 128 -4.06 13.30 -8.26
CA GLY B 128 -3.64 13.47 -6.86
C GLY B 128 -3.88 12.18 -6.07
N MET B 129 -3.72 11.01 -6.71
CA MET B 129 -3.92 9.69 -6.04
C MET B 129 -2.55 9.11 -5.63
N ASP B 130 -2.59 8.24 -4.63
CA ASP B 130 -1.41 7.54 -4.06
C ASP B 130 -0.91 6.48 -5.04
N LEU B 131 -0.33 6.89 -6.17
CA LEU B 131 0.05 5.94 -7.25
C LEU B 131 1.48 6.13 -7.75
N GLY B 132 2.23 7.05 -7.17
CA GLY B 132 3.59 7.35 -7.65
C GLY B 132 4.56 7.77 -6.54
N THR B 133 5.83 7.94 -6.88
CA THR B 133 6.91 8.32 -5.90
C THR B 133 7.02 9.85 -5.83
N ILE B 134 7.64 10.34 -4.76
CA ILE B 134 7.92 11.78 -4.50
C ILE B 134 9.34 11.84 -3.93
N PRO B 135 9.99 13.02 -3.95
CA PRO B 135 11.41 13.11 -3.53
C PRO B 135 11.77 12.54 -2.14
N GLY B 136 10.92 12.74 -1.12
CA GLY B 136 11.16 12.21 0.23
C GLY B 136 11.17 10.68 0.32
N ASP B 137 10.74 9.93 -0.72
CA ASP B 137 10.71 8.43 -0.71
C ASP B 137 12.11 7.79 -0.92
N CYS B 138 13.20 8.52 -1.17
CA CYS B 138 14.51 7.89 -1.54
C CYS B 138 14.96 6.99 -0.36
N GLY B 139 15.48 5.82 -0.72
CA GLY B 139 15.93 4.78 0.22
C GLY B 139 14.95 3.63 0.38
N ALA B 140 13.73 3.77 -0.09
CA ALA B 140 12.69 2.72 0.02
C ALA B 140 13.18 1.49 -0.73
N PRO B 141 12.97 0.29 -0.20
CA PRO B 141 13.51 -0.91 -0.88
C PRO B 141 12.68 -1.45 -2.07
N TYR B 142 13.34 -2.15 -2.99
CA TYR B 142 12.71 -2.94 -4.07
C TYR B 142 12.72 -4.42 -3.68
N VAL B 143 11.54 -5.07 -3.63
CA VAL B 143 11.46 -6.47 -3.16
C VAL B 143 10.55 -7.28 -4.11
N TYR B 144 10.75 -8.60 -4.13
CA TYR B 144 9.89 -9.55 -4.89
C TYR B 144 9.94 -10.94 -4.23
N LYS B 145 8.92 -11.75 -4.45
CA LYS B 145 8.80 -13.11 -3.88
C LYS B 145 9.23 -14.13 -4.95
N ARG B 146 10.12 -15.02 -4.57
CA ARG B 146 10.72 -16.05 -5.47
C ARG B 146 10.58 -17.39 -4.74
N ALA B 147 9.76 -18.31 -5.29
CA ALA B 147 9.22 -19.48 -4.55
C ALA B 147 8.69 -18.99 -3.19
N ASN B 148 9.29 -19.48 -2.11
CA ASN B 148 8.88 -19.20 -0.71
C ASN B 148 9.69 -18.02 -0.14
N ASP B 149 10.67 -17.50 -0.89
CA ASP B 149 11.69 -16.56 -0.36
C ASP B 149 11.37 -15.13 -0.81
N TRP B 150 11.33 -14.17 0.13
CA TRP B 150 11.42 -12.72 -0.20
C TRP B 150 12.86 -12.38 -0.60
N VAL B 151 13.00 -11.61 -1.66
CA VAL B 151 14.31 -11.09 -2.14
C VAL B 151 14.28 -9.56 -2.11
N VAL B 152 15.34 -8.93 -1.58
CA VAL B 152 15.50 -7.46 -1.73
C VAL B 152 16.62 -7.22 -2.74
N CYS B 153 16.42 -6.35 -3.69
CA CYS B 153 17.42 -6.23 -4.80
C CYS B 153 17.90 -4.79 -5.00
N GLY B 154 17.51 -3.85 -4.17
CA GLY B 154 18.11 -2.49 -4.18
C GLY B 154 17.22 -1.44 -3.50
N VAL B 155 17.58 -0.17 -3.67
CA VAL B 155 16.95 0.99 -2.96
C VAL B 155 16.55 2.11 -3.96
N HIS B 156 15.50 2.86 -3.66
CA HIS B 156 14.94 3.90 -4.56
C HIS B 156 15.92 5.09 -4.63
N ALA B 157 16.45 5.42 -5.81
CA ALA B 157 17.49 6.48 -5.99
C ALA B 157 16.94 7.75 -6.67
N ALA B 158 16.04 7.61 -7.64
CA ALA B 158 15.59 8.73 -8.48
C ALA B 158 14.31 8.37 -9.24
N ALA B 159 13.63 9.39 -9.74
CA ALA B 159 12.40 9.24 -10.56
C ALA B 159 12.27 10.49 -11.43
N THR B 160 11.72 10.30 -12.61
CA THR B 160 11.40 11.42 -13.54
C THR B 160 10.24 12.24 -12.97
N LYS B 161 10.19 13.53 -13.33
CA LYS B 161 9.10 14.51 -13.06
C LYS B 161 7.77 13.84 -13.40
N SER B 162 7.69 13.32 -14.62
CA SER B 162 6.52 12.59 -15.17
C SER B 162 6.06 11.49 -14.22
N GLY B 163 6.98 10.74 -13.62
CA GLY B 163 6.69 9.36 -13.22
C GLY B 163 6.54 8.48 -14.47
N ASN B 164 6.32 7.21 -14.27
CA ASN B 164 6.69 6.14 -15.23
C ASN B 164 8.12 5.70 -14.88
N THR B 165 9.20 6.50 -15.06
CA THR B 165 10.58 5.92 -14.95
C THR B 165 11.20 6.17 -13.56
N VAL B 166 11.72 5.08 -12.97
CA VAL B 166 12.44 5.10 -11.65
C VAL B 166 13.80 4.41 -11.82
N VAL B 167 14.70 4.67 -10.88
CA VAL B 167 16.03 4.03 -10.80
C VAL B 167 16.20 3.42 -9.41
N CYS B 168 16.49 2.11 -9.39
CA CYS B 168 16.81 1.26 -8.21
C CYS B 168 18.34 1.12 -8.10
N ALA B 169 18.96 1.73 -7.09
CA ALA B 169 20.44 1.61 -6.96
C ALA B 169 20.74 0.19 -6.46
N VAL B 170 21.78 -0.43 -6.96
CA VAL B 170 22.10 -1.86 -6.65
C VAL B 170 23.50 -2.03 -6.06
N GLN B 171 23.68 -3.13 -5.32
CA GLN B 171 24.99 -3.54 -4.74
C GLN B 171 25.95 -3.84 -5.90
N ALA B 172 27.24 -3.52 -5.74
CA ALA B 172 28.25 -3.76 -6.80
C ALA B 172 29.43 -4.52 -6.21
S DMS C . -19.71 -1.14 -14.89
O DMS C . -19.53 0.25 -15.45
C1 DMS C . -18.09 -1.88 -14.97
C2 DMS C . -19.75 -0.92 -13.12
S DMS D . 0.89 -5.13 7.50
O DMS D . 0.65 -4.22 6.30
C1 DMS D . 1.11 -4.04 8.90
C2 DMS D . -0.66 -5.79 8.00
N1 MZW E . 3.84 -5.05 -19.82
N3 MZW E . 4.67 -6.29 -21.68
C4 MZW E . 4.62 -8.24 -16.34
S1 MZW E . 4.90 -7.35 -19.21
C1 MZW E . 4.43 -6.14 -20.34
N2 MZW E . 3.60 -5.20 -18.45
C2 MZW E . 4.09 -6.39 -17.99
C3 MZW E . 3.97 -6.88 -16.61
#